data_7UD4
#
_entry.id   7UD4
#
_cell.length_a   1.00
_cell.length_b   1.00
_cell.length_c   1.00
_cell.angle_alpha   90.00
_cell.angle_beta   90.00
_cell.angle_gamma   90.00
#
_symmetry.space_group_name_H-M   'P 1'
#
_entity_poly.entity_id   1
_entity_poly.type   'polypeptide(L)'
_entity_poly.pdbx_seq_one_letter_code
;MAADGYLPDWLEDNLSEGIREWWALKPGAPQPKANQQHQDNARGLVLPGYKYLGPGNGLDKGEPVNAADAAALEHDKAYD
QQLKAGDNPYLKYNHADAEFQERLKEDTSFGGNLGRAVFQAKKRLLEPLGLVEEAAKTAPGKKRPVEQSPQEPDSSAGIG
KSGAQPAKKRLNFGQTGDTESVPDPQPIGEPPAAPSGVGSLTMASGGGAPVADNNEGADGVGSSSGNWHCDSQWLGDRVI
TTSTRTWALPTYNNHLYKQISNSTSGGSSNDNAYFGYSTPWGYFDFNRFHCHFSPRDWQRLINNNWGFRPKRLNFKLFNI
QVKEVTDNNGVKTIANNLTSTVQVFTDSDYQLPYVLGSAHEGCLPPFPADVFMIPQYGYLTLNDGSQAVGRSSFYCLEYF
PSQMLRTGNNFQFSYEFENVPFHSSYAHSQSLDRLMNPLIDQYLYYLSKTINGSGQNQQTLKFSVAGPSNMAVQGRNYIP
GPSYRQQRVSTTVTQNNNSEFAWPGASSWALNGRNSLMNPGPAMASHKEGEDRFFPLSGSLIFGKQGTGRDNVDADKVMI
TNEEEIKTTNPVATESYGQVATNHQSDGTLAVPFKAQAQTGWVQNQGILPGMVWQDRDVYLQGPIWAKIPHTDGNFHPSP
LMGGFGMKHPPPQILIKNTPVPADPPTAFNKDKLNSFITQYSTGQVSVEIEWELQKENSKRWNPEIQYTSNYYKSNNVEF
AVNTEGVYSEPRPIGTRYLTRNL
;
_entity_poly.pdbx_strand_id   A
#
# COMPACT_ATOMS: atom_id res chain seq x y z
N ASP A 219 19.31 -24.08 -25.59
CA ASP A 219 18.28 -24.48 -24.63
C ASP A 219 18.69 -25.76 -23.92
N GLY A 220 19.92 -25.79 -23.41
CA GLY A 220 20.43 -26.97 -22.74
C GLY A 220 21.05 -26.69 -21.40
N VAL A 221 21.81 -27.67 -20.88
CA VAL A 221 22.46 -27.50 -19.59
C VAL A 221 23.53 -26.42 -19.64
N GLY A 222 24.36 -26.43 -20.67
CA GLY A 222 25.48 -25.53 -20.78
C GLY A 222 25.21 -24.18 -21.39
N SER A 223 23.96 -23.86 -21.69
CA SER A 223 23.59 -22.60 -22.31
C SER A 223 22.71 -21.79 -21.37
N SER A 224 23.05 -20.52 -21.19
CA SER A 224 22.22 -19.63 -20.39
C SER A 224 20.92 -19.34 -21.11
N SER A 225 19.83 -19.28 -20.35
CA SER A 225 18.50 -19.08 -20.90
C SER A 225 18.03 -17.63 -20.80
N GLY A 226 18.90 -16.71 -20.41
CA GLY A 226 18.54 -15.32 -20.34
C GLY A 226 19.72 -14.48 -19.88
N ASN A 227 19.55 -13.17 -19.97
CA ASN A 227 20.59 -12.22 -19.61
C ASN A 227 20.09 -11.31 -18.50
N TRP A 228 21.05 -10.63 -17.86
CA TRP A 228 20.74 -9.69 -16.78
C TRP A 228 20.35 -8.35 -17.37
N HIS A 229 19.09 -7.97 -17.20
CA HIS A 229 18.58 -6.69 -17.68
C HIS A 229 18.12 -5.90 -16.47
N CYS A 230 18.86 -4.84 -16.12
CA CYS A 230 18.51 -4.02 -14.97
C CYS A 230 18.94 -2.59 -15.27
N ASP A 231 18.01 -1.79 -15.78
CA ASP A 231 18.26 -0.38 -16.07
C ASP A 231 16.91 0.29 -16.34
N SER A 232 16.95 1.60 -16.56
CA SER A 232 15.76 2.37 -16.88
C SER A 232 16.04 3.24 -18.10
N GLN A 233 15.05 3.36 -18.97
CA GLN A 233 15.13 4.20 -20.15
C GLN A 233 14.06 5.28 -20.06
N TRP A 234 14.47 6.53 -20.19
CA TRP A 234 13.56 7.67 -20.10
C TRP A 234 13.34 8.21 -21.51
N LEU A 235 12.31 7.70 -22.18
CA LEU A 235 12.01 8.08 -23.55
C LEU A 235 10.90 9.14 -23.58
N GLY A 236 11.23 10.30 -23.03
CA GLY A 236 10.29 11.40 -23.04
C GLY A 236 9.12 11.21 -22.10
N ASP A 237 7.95 10.93 -22.65
CA ASP A 237 6.74 10.72 -21.87
C ASP A 237 6.59 9.30 -21.35
N ARG A 238 7.65 8.48 -21.39
CA ARG A 238 7.57 7.12 -20.91
C ARG A 238 8.84 6.77 -20.14
N VAL A 239 8.70 5.88 -19.17
CA VAL A 239 9.83 5.26 -18.48
C VAL A 239 9.67 3.75 -18.58
N ILE A 240 10.73 3.07 -18.96
CA ILE A 240 10.77 1.62 -18.96
C ILE A 240 11.79 1.18 -17.94
N THR A 241 11.32 0.68 -16.81
CA THR A 241 12.18 0.18 -15.75
C THR A 241 12.31 -1.33 -15.87
N THR A 242 13.53 -1.83 -15.83
CA THR A 242 13.81 -3.26 -15.88
C THR A 242 14.56 -3.64 -14.61
N SER A 243 14.12 -4.72 -13.97
CA SER A 243 14.74 -5.20 -12.74
C SER A 243 15.01 -6.69 -12.87
N THR A 244 16.23 -7.09 -12.53
CA THR A 244 16.61 -8.49 -12.47
C THR A 244 17.13 -8.80 -11.08
N ARG A 245 16.68 -9.91 -10.52
CA ARG A 245 17.08 -10.35 -9.19
C ARG A 245 17.36 -11.85 -9.22
N THR A 246 18.11 -12.31 -8.21
CA THR A 246 18.35 -13.72 -8.01
C THR A 246 17.49 -14.21 -6.86
N TRP A 247 16.70 -15.24 -7.11
CA TRP A 247 15.77 -15.78 -6.12
C TRP A 247 16.20 -17.18 -5.70
N ALA A 248 15.65 -17.62 -4.56
CA ALA A 248 15.85 -18.98 -4.07
C ALA A 248 14.51 -19.50 -3.58
N LEU A 249 14.07 -20.62 -4.14
CA LEU A 249 12.79 -21.20 -3.78
C LEU A 249 12.98 -22.49 -3.01
N PRO A 250 12.60 -22.56 -1.74
CA PRO A 250 12.73 -23.81 -0.99
C PRO A 250 11.52 -24.71 -1.25
N THR A 251 11.52 -25.85 -0.57
CA THR A 251 10.34 -26.71 -0.54
C THR A 251 9.48 -26.29 0.64
N TYR A 252 8.29 -25.80 0.34
CA TYR A 252 7.38 -25.31 1.37
C TYR A 252 6.41 -26.42 1.77
N ASN A 253 6.17 -26.52 3.08
CA ASN A 253 5.12 -27.39 3.62
C ASN A 253 5.37 -28.87 3.34
N ASN A 254 6.60 -29.23 2.95
CA ASN A 254 6.95 -30.59 2.58
C ASN A 254 6.03 -31.13 1.48
N HIS A 255 5.79 -30.30 0.46
CA HIS A 255 4.95 -30.62 -0.69
C HIS A 255 3.49 -30.87 -0.31
N LEU A 256 3.03 -30.34 0.81
CA LEU A 256 1.70 -30.63 1.30
C LEU A 256 0.85 -29.37 1.36
N TYR A 257 -0.46 -29.56 1.20
CA TYR A 257 -1.44 -28.53 1.54
C TYR A 257 -1.88 -28.78 2.97
N LYS A 258 -1.83 -27.74 3.79
CA LYS A 258 -2.18 -27.85 5.19
C LYS A 258 -3.26 -26.85 5.54
N GLN A 259 -4.31 -27.31 6.21
CA GLN A 259 -5.31 -26.41 6.75
C GLN A 259 -4.72 -25.65 7.93
N ILE A 260 -4.90 -24.34 7.92
CA ILE A 260 -4.40 -23.48 8.99
C ILE A 260 -5.56 -22.69 9.57
N SER A 261 -5.44 -22.36 10.84
CA SER A 261 -6.42 -21.54 11.54
C SER A 261 -5.76 -20.94 12.76
N ASN A 262 -6.48 -20.04 13.43
CA ASN A 262 -5.97 -19.47 14.66
C ASN A 262 -5.79 -20.55 15.72
N SER A 263 -6.60 -21.61 15.66
CA SER A 263 -6.42 -22.72 16.59
C SER A 263 -5.08 -23.43 16.35
N THR A 264 -4.72 -23.65 15.09
CA THR A 264 -3.44 -24.28 14.79
C THR A 264 -2.28 -23.33 15.02
N SER A 265 -2.52 -22.03 15.11
CA SER A 265 -1.50 -21.04 15.38
C SER A 265 -1.37 -20.72 16.86
N GLY A 266 -2.12 -21.42 17.71
CA GLY A 266 -2.03 -21.21 19.14
C GLY A 266 -3.18 -20.45 19.77
N GLY A 267 -4.29 -20.29 19.08
CA GLY A 267 -5.43 -19.58 19.61
C GLY A 267 -5.28 -18.07 19.51
N SER A 268 -6.42 -17.39 19.61
CA SER A 268 -6.45 -15.93 19.48
C SER A 268 -7.83 -15.45 19.97
N SER A 269 -8.08 -14.17 19.79
CA SER A 269 -9.37 -13.57 20.09
C SER A 269 -10.29 -13.71 18.89
N ASN A 270 -11.54 -13.27 19.06
CA ASN A 270 -12.51 -13.36 17.97
C ASN A 270 -12.09 -12.51 16.78
N ASP A 271 -11.53 -11.32 17.05
CA ASP A 271 -11.12 -10.43 15.97
C ASP A 271 -9.96 -11.01 15.16
N ASN A 272 -9.18 -11.91 15.73
CA ASN A 272 -8.02 -12.47 15.06
C ASN A 272 -8.25 -13.88 14.53
N ALA A 273 -9.46 -14.40 14.63
CA ALA A 273 -9.74 -15.76 14.16
C ALA A 273 -9.70 -15.82 12.65
N TYR A 274 -9.21 -16.94 12.11
CA TYR A 274 -9.14 -17.12 10.67
C TYR A 274 -9.15 -18.61 10.35
N PHE A 275 -9.41 -18.91 9.08
CA PHE A 275 -9.36 -20.26 8.55
C PHE A 275 -8.85 -20.20 7.13
N GLY A 276 -7.92 -21.08 6.80
CA GLY A 276 -7.35 -21.07 5.46
C GLY A 276 -6.45 -22.25 5.23
N TYR A 277 -5.62 -22.13 4.19
CA TYR A 277 -4.72 -23.19 3.80
C TYR A 277 -3.36 -22.61 3.44
N SER A 278 -2.32 -23.34 3.79
CA SER A 278 -0.97 -23.03 3.34
C SER A 278 -0.58 -24.03 2.26
N THR A 279 -0.18 -23.52 1.12
CA THR A 279 0.16 -24.34 -0.03
C THR A 279 1.66 -24.54 -0.14
N PRO A 280 2.11 -25.58 -0.82
CA PRO A 280 3.55 -25.74 -1.07
C PRO A 280 4.10 -24.83 -2.16
N TRP A 281 3.31 -23.87 -2.63
CA TRP A 281 3.72 -23.01 -3.72
C TRP A 281 4.30 -21.70 -3.18
N GLY A 282 5.27 -21.16 -3.91
CA GLY A 282 5.73 -19.81 -3.71
C GLY A 282 5.16 -18.90 -4.79
N TYR A 283 5.23 -17.60 -4.52
CA TYR A 283 4.73 -16.62 -5.48
C TYR A 283 5.69 -15.45 -5.57
N PHE A 284 5.69 -14.81 -6.73
CA PHE A 284 6.57 -13.68 -7.01
C PHE A 284 5.85 -12.37 -6.70
N ASP A 285 6.50 -11.54 -5.91
CA ASP A 285 5.94 -10.25 -5.51
C ASP A 285 6.87 -9.15 -6.00
N PHE A 286 6.34 -8.25 -6.82
CA PHE A 286 7.03 -7.02 -7.17
C PHE A 286 6.07 -5.84 -7.08
N ASN A 287 5.15 -5.89 -6.13
CA ASN A 287 4.17 -4.84 -5.92
C ASN A 287 4.67 -3.78 -4.93
N ARG A 288 5.87 -3.27 -5.19
CA ARG A 288 6.44 -2.17 -4.43
C ARG A 288 7.29 -1.36 -5.38
N PHE A 289 7.31 -0.03 -5.15
CA PHE A 289 7.95 0.84 -6.12
C PHE A 289 9.47 0.69 -6.14
N HIS A 290 10.08 0.35 -5.01
CA HIS A 290 11.53 0.17 -5.02
C HIS A 290 11.96 -1.09 -5.75
N CYS A 291 11.02 -1.96 -6.12
CA CYS A 291 11.36 -3.11 -6.94
C CYS A 291 11.71 -2.72 -8.36
N HIS A 292 11.33 -1.51 -8.79
CA HIS A 292 11.50 -1.11 -10.18
C HIS A 292 12.27 0.19 -10.32
N PHE A 293 12.13 1.08 -9.34
CA PHE A 293 12.78 2.39 -9.38
C PHE A 293 13.96 2.41 -8.42
N SER A 294 15.13 2.78 -8.93
CA SER A 294 16.22 3.16 -8.07
C SER A 294 15.90 4.52 -7.44
N PRO A 295 16.50 4.83 -6.29
CA PRO A 295 16.20 6.14 -5.67
C PRO A 295 16.47 7.31 -6.58
N ARG A 296 17.50 7.25 -7.42
CA ARG A 296 17.74 8.33 -8.37
C ARG A 296 16.64 8.40 -9.44
N ASP A 297 16.20 7.24 -9.93
CA ASP A 297 15.10 7.22 -10.87
C ASP A 297 13.82 7.73 -10.23
N TRP A 298 13.58 7.37 -8.97
CA TRP A 298 12.45 7.89 -8.24
C TRP A 298 12.53 9.40 -8.11
N GLN A 299 13.72 9.92 -7.82
CA GLN A 299 13.90 11.37 -7.71
C GLN A 299 13.59 12.06 -9.02
N ARG A 300 14.09 11.51 -10.13
CA ARG A 300 13.77 12.07 -11.45
C ARG A 300 12.27 12.11 -11.66
N LEU A 301 11.60 10.98 -11.41
CA LEU A 301 10.17 10.89 -11.64
C LEU A 301 9.39 11.89 -10.81
N ILE A 302 9.73 12.00 -9.52
CA ILE A 302 8.93 12.86 -8.65
C ILE A 302 9.27 14.32 -8.84
N ASN A 303 10.46 14.64 -9.32
CA ASN A 303 10.86 16.03 -9.48
C ASN A 303 10.50 16.61 -10.83
N ASN A 304 10.20 15.78 -11.82
CA ASN A 304 9.95 16.31 -13.16
C ASN A 304 8.57 15.99 -13.73
N ASN A 305 7.71 15.28 -12.99
CA ASN A 305 6.45 14.82 -13.56
C ASN A 305 5.29 15.13 -12.63
N TRP A 306 4.16 15.49 -13.23
CA TRP A 306 2.93 15.71 -12.48
C TRP A 306 2.14 14.44 -12.24
N GLY A 307 2.45 13.37 -12.96
CA GLY A 307 1.72 12.13 -12.79
C GLY A 307 2.38 11.00 -13.55
N PHE A 308 2.04 9.78 -13.16
CA PHE A 308 2.55 8.59 -13.81
C PHE A 308 1.58 7.45 -13.57
N ARG A 309 1.65 6.44 -14.43
CA ARG A 309 0.83 5.25 -14.28
C ARG A 309 1.47 4.12 -15.07
N PRO A 310 1.34 2.88 -14.60
CA PRO A 310 1.88 1.75 -15.37
C PRO A 310 1.07 1.50 -16.64
N LYS A 311 1.75 1.04 -17.67
CA LYS A 311 1.12 0.73 -18.94
C LYS A 311 1.29 -0.71 -19.37
N ARG A 312 2.49 -1.27 -19.22
CA ARG A 312 2.79 -2.59 -19.73
C ARG A 312 3.73 -3.31 -18.77
N LEU A 313 3.68 -4.63 -18.80
CA LEU A 313 4.51 -5.46 -17.94
C LEU A 313 5.11 -6.60 -18.75
N ASN A 314 6.37 -6.90 -18.48
CA ASN A 314 7.05 -8.06 -19.04
C ASN A 314 7.75 -8.80 -17.92
N PHE A 315 7.56 -10.11 -17.86
CA PHE A 315 8.07 -10.93 -16.77
C PHE A 315 8.87 -12.09 -17.35
N LYS A 316 10.01 -12.40 -16.71
CA LYS A 316 10.89 -13.45 -17.21
C LYS A 316 11.41 -14.28 -16.04
N LEU A 317 11.40 -15.59 -16.22
CA LEU A 317 12.09 -16.54 -15.34
C LEU A 317 13.09 -17.32 -16.17
N PHE A 318 14.34 -17.35 -15.74
CA PHE A 318 15.38 -17.97 -16.53
C PHE A 318 16.53 -18.39 -15.63
N ASN A 319 17.46 -19.14 -16.21
CA ASN A 319 18.63 -19.65 -15.50
C ASN A 319 18.22 -20.46 -14.27
N ILE A 320 17.25 -21.36 -14.48
CA ILE A 320 16.77 -22.20 -13.40
C ILE A 320 17.85 -23.20 -13.01
N GLN A 321 18.08 -23.34 -11.71
CA GLN A 321 18.98 -24.35 -11.17
C GLN A 321 18.29 -25.05 -10.01
N VAL A 322 18.01 -26.33 -10.17
CA VAL A 322 17.45 -27.15 -9.10
C VAL A 322 18.58 -27.91 -8.43
N LYS A 323 18.67 -27.80 -7.12
CA LYS A 323 19.76 -28.40 -6.36
C LYS A 323 19.21 -29.32 -5.29
N GLU A 324 19.84 -30.47 -5.13
CA GLU A 324 19.47 -31.43 -4.11
C GLU A 324 20.42 -31.33 -2.93
N VAL A 325 19.88 -31.48 -1.73
CA VAL A 325 20.64 -31.36 -0.49
C VAL A 325 20.59 -32.70 0.24
N THR A 326 21.76 -33.26 0.53
CA THR A 326 21.87 -34.49 1.30
C THR A 326 22.64 -34.19 2.57
N ASP A 327 22.09 -34.61 3.71
CA ASP A 327 22.69 -34.37 5.02
C ASP A 327 23.00 -35.72 5.65
N ASN A 328 24.22 -36.19 5.46
CA ASN A 328 24.67 -37.48 5.97
C ASN A 328 25.65 -37.24 7.12
N ASN A 329 25.32 -37.76 8.30
CA ASN A 329 26.15 -37.64 9.50
C ASN A 329 26.45 -36.18 9.82
N GLY A 330 25.48 -35.31 9.59
CA GLY A 330 25.62 -33.90 9.88
C GLY A 330 26.40 -33.11 8.85
N VAL A 331 26.86 -33.74 7.78
CA VAL A 331 27.61 -33.07 6.72
C VAL A 331 26.64 -32.73 5.59
N LYS A 332 26.53 -31.45 5.28
CA LYS A 332 25.59 -30.96 4.27
C LYS A 332 26.33 -30.76 2.96
N THR A 333 25.94 -31.51 1.94
CA THR A 333 26.52 -31.39 0.60
C THR A 333 25.40 -31.10 -0.39
N ILE A 334 25.63 -30.13 -1.27
CA ILE A 334 24.65 -29.68 -2.25
C ILE A 334 25.15 -30.04 -3.63
N ALA A 335 24.31 -30.72 -4.40
CA ALA A 335 24.65 -31.14 -5.74
C ALA A 335 23.56 -30.71 -6.71
N ASN A 336 23.93 -30.60 -7.98
CA ASN A 336 22.98 -30.23 -9.02
C ASN A 336 22.07 -31.41 -9.34
N ASN A 337 20.80 -31.11 -9.58
CA ASN A 337 19.83 -32.10 -10.05
C ASN A 337 19.36 -31.63 -11.42
N LEU A 338 20.06 -32.08 -12.47
CA LEU A 338 19.83 -31.54 -13.80
C LEU A 338 18.46 -31.91 -14.35
N THR A 339 17.92 -33.05 -13.95
CA THR A 339 16.64 -33.51 -14.48
C THR A 339 15.44 -33.05 -13.68
N SER A 340 15.66 -32.34 -12.57
CA SER A 340 14.55 -31.86 -11.77
C SER A 340 13.88 -30.67 -12.45
N THR A 341 12.61 -30.46 -12.09
CA THR A 341 11.77 -29.50 -12.78
C THR A 341 11.15 -28.54 -11.76
N VAL A 342 11.01 -27.27 -12.16
CA VAL A 342 10.30 -26.27 -11.38
C VAL A 342 9.01 -25.91 -12.11
N GLN A 343 7.92 -25.78 -11.36
CA GLN A 343 6.60 -25.53 -11.91
C GLN A 343 6.24 -24.07 -11.70
N VAL A 344 5.76 -23.42 -12.76
CA VAL A 344 5.35 -22.02 -12.69
C VAL A 344 4.11 -21.81 -13.55
N PHE A 345 3.19 -20.99 -13.05
CA PHE A 345 2.04 -20.57 -13.84
C PHE A 345 1.55 -19.23 -13.32
N THR A 346 0.80 -18.53 -14.17
CA THR A 346 0.20 -17.25 -13.82
C THR A 346 -1.31 -17.41 -13.70
N ASP A 347 -1.89 -16.79 -12.69
CA ASP A 347 -3.33 -16.82 -12.48
C ASP A 347 -3.98 -15.70 -13.30
N SER A 348 -3.93 -15.88 -14.62
CA SER A 348 -4.42 -14.86 -15.54
C SER A 348 -5.93 -14.71 -15.50
N ASP A 349 -6.66 -15.72 -15.05
CA ASP A 349 -8.10 -15.64 -14.93
C ASP A 349 -8.57 -15.21 -13.55
N TYR A 350 -7.63 -14.94 -12.63
CA TYR A 350 -7.96 -14.45 -11.29
C TYR A 350 -8.89 -15.41 -10.55
N GLN A 351 -8.64 -16.71 -10.71
CA GLN A 351 -9.45 -17.74 -10.08
C GLN A 351 -8.94 -18.11 -8.69
N LEU A 352 -7.80 -17.61 -8.29
CA LEU A 352 -7.24 -17.87 -6.98
C LEU A 352 -7.39 -16.65 -6.08
N PRO A 353 -7.41 -16.84 -4.76
CA PRO A 353 -7.39 -15.68 -3.87
C PRO A 353 -6.16 -14.83 -4.11
N TYR A 354 -6.36 -13.52 -4.13
CA TYR A 354 -5.31 -12.57 -4.48
C TYR A 354 -4.66 -12.06 -3.20
N VAL A 355 -3.42 -12.48 -2.96
CA VAL A 355 -2.71 -12.10 -1.74
C VAL A 355 -1.78 -10.92 -1.96
N LEU A 356 -1.45 -10.56 -3.20
CA LEU A 356 -0.82 -9.29 -3.45
C LEU A 356 -1.80 -8.16 -3.16
N GLY A 357 -1.27 -6.98 -2.91
CA GLY A 357 -2.12 -5.90 -2.46
C GLY A 357 -2.49 -5.96 -1.00
N SER A 358 -1.79 -6.77 -0.20
CA SER A 358 -1.96 -6.81 1.23
C SER A 358 -0.71 -6.30 1.97
N ALA A 359 0.19 -5.64 1.24
CA ALA A 359 1.41 -5.07 1.82
C ALA A 359 2.22 -6.12 2.56
N HIS A 360 2.55 -7.20 1.86
CA HIS A 360 3.28 -8.31 2.46
C HIS A 360 4.76 -8.25 2.10
N GLU A 361 5.57 -8.89 2.94
CA GLU A 361 6.99 -9.03 2.65
C GLU A 361 7.20 -10.07 1.54
N GLY A 362 8.45 -10.19 1.11
CA GLY A 362 8.80 -11.10 0.06
C GLY A 362 8.92 -10.51 -1.32
N CYS A 363 8.91 -9.18 -1.44
CA CYS A 363 9.08 -8.53 -2.72
C CYS A 363 10.52 -8.69 -3.22
N LEU A 364 10.74 -8.32 -4.47
CA LEU A 364 12.10 -8.22 -4.98
C LEU A 364 12.85 -7.18 -4.16
N PRO A 365 14.05 -7.48 -3.67
CA PRO A 365 14.76 -6.53 -2.82
C PRO A 365 15.06 -5.24 -3.56
N PRO A 366 15.03 -4.11 -2.88
CA PRO A 366 15.32 -2.83 -3.55
C PRO A 366 16.73 -2.79 -4.14
N PHE A 367 17.69 -3.41 -3.49
CA PHE A 367 19.05 -3.44 -4.00
C PHE A 367 19.22 -4.58 -4.99
N PRO A 368 19.66 -4.32 -6.22
CA PRO A 368 19.73 -5.39 -7.22
C PRO A 368 20.68 -6.51 -6.87
N ALA A 369 21.65 -6.28 -6.00
CA ALA A 369 22.64 -7.30 -5.66
C ALA A 369 22.18 -8.26 -4.57
N ASP A 370 20.99 -8.06 -4.02
CA ASP A 370 20.49 -8.90 -2.94
C ASP A 370 19.77 -10.13 -3.50
N VAL A 371 20.00 -11.27 -2.87
CA VAL A 371 19.33 -12.52 -3.20
C VAL A 371 18.20 -12.73 -2.19
N PHE A 372 17.00 -12.98 -2.68
CA PHE A 372 15.82 -13.06 -1.84
C PHE A 372 15.18 -14.44 -1.92
N MET A 373 14.45 -14.78 -0.86
CA MET A 373 13.70 -16.02 -0.78
C MET A 373 12.26 -15.76 -1.20
N ILE A 374 11.71 -16.67 -2.00
CA ILE A 374 10.34 -16.51 -2.50
C ILE A 374 9.36 -16.83 -1.38
N PRO A 375 8.40 -15.96 -1.08
CA PRO A 375 7.46 -16.22 0.01
C PRO A 375 6.51 -17.37 -0.33
N GLN A 376 6.04 -18.04 0.72
CA GLN A 376 5.10 -19.13 0.55
C GLN A 376 3.69 -18.61 0.34
N TYR A 377 2.95 -19.24 -0.57
CA TYR A 377 1.60 -18.82 -0.87
C TYR A 377 0.60 -19.47 0.06
N GLY A 378 -0.22 -18.65 0.70
CA GLY A 378 -1.34 -19.13 1.47
C GLY A 378 -2.53 -18.22 1.28
N TYR A 379 -3.70 -18.69 1.72
CA TYR A 379 -4.91 -17.91 1.55
C TYR A 379 -5.89 -18.23 2.67
N LEU A 380 -6.85 -17.34 2.86
CA LEU A 380 -7.86 -17.47 3.88
C LEU A 380 -9.23 -17.59 3.23
N THR A 381 -10.13 -18.29 3.91
CA THR A 381 -11.51 -18.40 3.45
C THR A 381 -12.47 -18.00 4.55
N LEU A 382 -13.75 -18.26 4.37
CA LEU A 382 -14.74 -17.95 5.39
C LEU A 382 -14.51 -18.80 6.62
N ASN A 383 -14.65 -18.18 7.79
CA ASN A 383 -14.44 -18.87 9.05
C ASN A 383 -15.54 -18.50 10.04
N ASP A 384 -15.80 -19.41 10.97
CA ASP A 384 -16.69 -19.18 12.11
C ASP A 384 -15.85 -19.51 13.34
N GLY A 385 -15.12 -18.50 13.83
CA GLY A 385 -14.11 -18.78 14.83
C GLY A 385 -12.91 -19.41 14.14
N SER A 386 -12.47 -20.54 14.67
CA SER A 386 -11.40 -21.31 14.04
C SER A 386 -11.94 -22.37 13.08
N GLN A 387 -13.26 -22.47 12.94
CA GLN A 387 -13.89 -23.49 12.13
C GLN A 387 -14.24 -22.94 10.76
N ALA A 388 -14.51 -23.85 9.83
CA ALA A 388 -14.93 -23.51 8.49
C ALA A 388 -16.44 -23.66 8.35
N VAL A 389 -16.99 -22.99 7.36
CA VAL A 389 -18.41 -23.11 7.03
C VAL A 389 -18.52 -23.83 5.68
N GLY A 390 -19.76 -24.18 5.32
CA GLY A 390 -19.99 -24.87 4.07
C GLY A 390 -19.62 -24.07 2.85
N ARG A 391 -19.63 -22.73 2.95
CA ARG A 391 -19.27 -21.87 1.84
C ARG A 391 -17.77 -21.71 1.67
N SER A 392 -16.97 -22.23 2.59
CA SER A 392 -15.51 -22.12 2.49
C SER A 392 -15.01 -22.89 1.28
N SER A 393 -14.05 -22.30 0.57
CA SER A 393 -13.51 -22.86 -0.66
C SER A 393 -12.10 -23.35 -0.42
N PHE A 394 -11.81 -24.54 -0.92
CA PHE A 394 -10.46 -25.09 -0.92
C PHE A 394 -9.93 -25.07 -2.35
N TYR A 395 -8.75 -24.51 -2.54
CA TYR A 395 -8.13 -24.40 -3.86
C TYR A 395 -6.86 -25.24 -3.90
N CYS A 396 -6.79 -26.13 -4.87
CA CYS A 396 -5.57 -26.88 -5.15
C CYS A 396 -4.90 -26.24 -6.36
N LEU A 397 -3.67 -25.79 -6.17
CA LEU A 397 -2.96 -25.11 -7.24
C LEU A 397 -2.41 -26.06 -8.28
N GLU A 398 -2.41 -27.37 -8.01
CA GLU A 398 -2.08 -28.35 -9.02
C GLU A 398 -3.22 -28.59 -10.01
N TYR A 399 -4.39 -28.03 -9.74
CA TYR A 399 -5.51 -28.09 -10.66
C TYR A 399 -5.39 -27.09 -11.80
N PHE A 400 -4.35 -26.29 -11.80
CA PHE A 400 -4.11 -25.33 -12.88
C PHE A 400 -3.03 -25.87 -13.82
N PRO A 401 -3.15 -25.62 -15.12
CA PRO A 401 -2.05 -25.96 -16.03
C PRO A 401 -0.86 -25.05 -15.77
N SER A 402 0.30 -25.66 -15.59
CA SER A 402 1.52 -24.92 -15.29
C SER A 402 2.64 -25.41 -16.20
N GLN A 403 3.56 -24.50 -16.50
CA GLN A 403 4.72 -24.84 -17.33
C GLN A 403 5.78 -25.47 -16.46
N MET A 404 6.34 -26.58 -16.92
CA MET A 404 7.35 -27.34 -16.19
C MET A 404 8.72 -27.00 -16.77
N LEU A 405 9.62 -26.54 -15.93
CA LEU A 405 10.92 -26.01 -16.37
C LEU A 405 12.05 -26.84 -15.78
N ARG A 406 12.86 -27.43 -16.64
CA ARG A 406 14.16 -27.92 -16.24
C ARG A 406 15.19 -26.81 -16.42
N THR A 407 16.43 -27.08 -16.04
CA THR A 407 17.50 -26.14 -16.35
C THR A 407 17.65 -26.02 -17.86
N GLY A 408 17.79 -24.80 -18.35
CA GLY A 408 17.78 -24.52 -19.76
C GLY A 408 16.45 -24.05 -20.30
N ASN A 409 15.36 -24.28 -19.57
CA ASN A 409 14.06 -23.72 -19.93
C ASN A 409 13.87 -22.37 -19.26
N ASN A 410 13.08 -21.52 -19.91
CA ASN A 410 12.75 -20.21 -19.36
C ASN A 410 11.25 -19.97 -19.47
N PHE A 411 10.77 -19.05 -18.64
CA PHE A 411 9.36 -18.70 -18.60
C PHE A 411 9.21 -17.21 -18.88
N GLN A 412 8.19 -16.85 -19.65
CA GLN A 412 7.96 -15.47 -20.02
C GLN A 412 6.48 -15.25 -20.23
N PHE A 413 5.99 -14.10 -19.79
CA PHE A 413 4.63 -13.69 -20.10
C PHE A 413 4.56 -12.17 -20.06
N SER A 414 3.65 -11.61 -20.85
CA SER A 414 3.43 -10.18 -20.92
C SER A 414 2.04 -9.84 -20.41
N TYR A 415 1.93 -8.70 -19.74
CA TYR A 415 0.66 -8.24 -19.20
C TYR A 415 0.49 -6.77 -19.53
N GLU A 416 -0.71 -6.39 -19.93
CA GLU A 416 -1.05 -5.01 -20.23
C GLU A 416 -1.90 -4.45 -19.10
N PHE A 417 -1.40 -3.41 -18.44
CA PHE A 417 -2.16 -2.76 -17.38
C PHE A 417 -3.44 -2.17 -17.93
N GLU A 418 -4.54 -2.39 -17.22
CA GLU A 418 -5.78 -1.74 -17.61
C GLU A 418 -5.71 -0.25 -17.31
N ASN A 419 -6.60 0.50 -17.95
CA ASN A 419 -6.57 1.95 -17.84
C ASN A 419 -6.85 2.38 -16.40
N VAL A 420 -5.89 3.08 -15.80
CA VAL A 420 -6.04 3.62 -14.46
C VAL A 420 -5.71 5.11 -14.52
N PRO A 421 -6.26 5.94 -13.64
CA PRO A 421 -5.91 7.35 -13.65
C PRO A 421 -4.46 7.57 -13.25
N PHE A 422 -3.88 8.66 -13.76
CA PHE A 422 -2.55 9.06 -13.35
C PHE A 422 -2.52 9.32 -11.85
N HIS A 423 -1.48 8.84 -11.18
CA HIS A 423 -1.29 9.20 -9.79
C HIS A 423 -0.91 10.67 -9.69
N SER A 424 -1.48 11.36 -8.70
CA SER A 424 -1.26 12.79 -8.52
C SER A 424 0.06 12.98 -7.78
N SER A 425 1.15 13.08 -8.54
CA SER A 425 2.46 13.34 -7.94
C SER A 425 2.73 14.84 -7.86
N TYR A 426 1.82 15.56 -7.24
CA TYR A 426 1.93 17.01 -7.08
C TYR A 426 1.21 17.41 -5.81
N ALA A 427 1.61 18.56 -5.27
CA ALA A 427 0.92 19.17 -4.14
C ALA A 427 0.24 20.44 -4.62
N HIS A 428 -0.95 20.70 -4.09
CA HIS A 428 -1.70 21.88 -4.48
C HIS A 428 -1.12 23.13 -3.83
N SER A 429 -0.98 24.19 -4.62
CA SER A 429 -0.56 25.48 -4.10
C SER A 429 -1.72 26.36 -3.68
N GLN A 430 -2.94 25.85 -3.80
CA GLN A 430 -4.13 26.56 -3.36
C GLN A 430 -4.93 25.64 -2.45
N SER A 431 -5.55 26.23 -1.44
CA SER A 431 -6.45 25.48 -0.57
C SER A 431 -7.89 25.67 -1.03
N LEU A 432 -8.74 24.73 -0.65
CA LEU A 432 -10.13 24.75 -1.08
C LEU A 432 -10.87 25.98 -0.59
N ASP A 433 -10.50 26.50 0.57
CA ASP A 433 -11.17 27.65 1.15
C ASP A 433 -10.54 28.98 0.74
N ARG A 434 -9.58 28.97 -0.16
CA ARG A 434 -8.89 30.18 -0.63
C ARG A 434 -8.78 30.18 -2.14
N LEU A 435 -9.89 29.87 -2.81
CA LEU A 435 -9.95 29.86 -4.27
C LEU A 435 -10.53 31.14 -4.86
N MET A 436 -10.85 32.12 -4.03
CA MET A 436 -11.52 33.32 -4.50
C MET A 436 -10.52 34.39 -4.91
N ASN A 437 -11.04 35.45 -5.51
CA ASN A 437 -10.25 36.65 -5.76
C ASN A 437 -10.18 37.47 -4.49
N PRO A 438 -8.98 37.71 -3.93
CA PRO A 438 -8.87 38.43 -2.66
C PRO A 438 -9.06 39.93 -2.77
N LEU A 439 -9.46 40.45 -3.92
CA LEU A 439 -9.66 41.88 -4.11
C LEU A 439 -11.11 42.28 -4.36
N ILE A 440 -11.95 41.34 -4.78
CA ILE A 440 -13.31 41.64 -5.22
C ILE A 440 -14.29 41.01 -4.25
N ASP A 441 -15.35 41.76 -3.93
CA ASP A 441 -16.43 41.23 -3.11
C ASP A 441 -17.24 40.20 -3.89
N GLN A 442 -18.01 39.42 -3.16
CA GLN A 442 -19.02 38.56 -3.77
C GLN A 442 -20.31 39.34 -3.92
N TYR A 443 -21.16 38.87 -4.83
CA TYR A 443 -22.50 39.42 -4.94
C TYR A 443 -23.49 38.68 -4.05
N LEU A 444 -23.01 37.76 -3.22
CA LEU A 444 -23.84 37.02 -2.28
C LEU A 444 -23.72 37.65 -0.90
N TYR A 445 -24.79 37.54 -0.12
CA TYR A 445 -24.84 38.05 1.23
C TYR A 445 -24.87 36.90 2.23
N TYR A 446 -24.52 37.23 3.48
CA TYR A 446 -24.57 36.26 4.56
C TYR A 446 -25.15 36.92 5.79
N LEU A 447 -25.77 36.12 6.64
CA LEU A 447 -26.33 36.61 7.89
C LEU A 447 -25.20 36.94 8.85
N SER A 448 -25.04 38.21 9.20
CA SER A 448 -23.93 38.65 10.02
C SER A 448 -24.31 39.02 11.44
N LYS A 449 -25.55 39.44 11.68
CA LYS A 449 -25.98 39.85 13.01
C LYS A 449 -27.41 39.36 13.24
N THR A 450 -27.64 38.80 14.43
CA THR A 450 -28.98 38.35 14.81
C THR A 450 -29.58 39.11 15.97
N ILE A 451 -28.80 39.89 16.72
CA ILE A 451 -29.32 40.71 17.80
C ILE A 451 -28.72 42.11 17.67
N ASN A 452 -29.55 43.12 17.94
CA ASN A 452 -29.10 44.50 17.88
C ASN A 452 -28.16 44.86 19.01
N GLY A 453 -28.21 44.13 20.12
CA GLY A 453 -27.35 44.42 21.24
C GLY A 453 -27.84 43.69 22.48
N SER A 454 -27.20 44.02 23.60
CA SER A 454 -27.58 43.42 24.88
C SER A 454 -28.97 43.91 25.28
N GLY A 455 -29.72 43.03 25.94
CA GLY A 455 -31.06 43.36 26.37
C GLY A 455 -32.11 42.44 25.80
N GLN A 456 -33.33 42.51 26.33
CA GLN A 456 -34.41 41.65 25.88
C GLN A 456 -35.01 42.18 24.58
N ASN A 457 -35.54 41.25 23.77
CA ASN A 457 -36.27 41.58 22.55
C ASN A 457 -35.42 42.41 21.59
N GLN A 458 -34.17 42.01 21.42
CA GLN A 458 -33.25 42.68 20.51
C GLN A 458 -33.03 41.91 19.22
N GLN A 459 -33.89 40.95 18.91
CA GLN A 459 -33.71 40.12 17.74
C GLN A 459 -33.80 40.96 16.47
N THR A 460 -32.96 40.63 15.50
CA THR A 460 -32.93 41.31 14.21
C THR A 460 -32.29 40.38 13.19
N LEU A 461 -32.24 40.84 11.94
CA LEU A 461 -31.57 40.10 10.87
C LEU A 461 -30.77 41.11 10.06
N LYS A 462 -29.45 41.04 10.18
CA LYS A 462 -28.55 41.91 9.43
C LYS A 462 -27.71 41.07 8.48
N PHE A 463 -27.51 41.59 7.27
CA PHE A 463 -26.78 40.87 6.23
C PHE A 463 -25.63 41.73 5.74
N SER A 464 -24.53 41.08 5.38
CA SER A 464 -23.34 41.76 4.90
C SER A 464 -22.83 41.06 3.66
N VAL A 465 -22.06 41.81 2.87
CA VAL A 465 -21.43 41.26 1.68
C VAL A 465 -20.24 40.42 2.09
N ALA A 466 -20.16 39.20 1.56
CA ALA A 466 -19.01 38.35 1.78
C ALA A 466 -17.87 38.82 0.90
N GLY A 467 -16.79 39.28 1.51
CA GLY A 467 -15.68 39.85 0.78
C GLY A 467 -14.33 39.39 1.28
N PRO A 468 -13.27 40.08 0.84
CA PRO A 468 -11.92 39.70 1.26
C PRO A 468 -11.69 39.76 2.75
N SER A 469 -12.36 40.68 3.45
CA SER A 469 -12.13 40.81 4.90
C SER A 469 -12.66 39.60 5.66
N ASN A 470 -13.69 38.94 5.14
CA ASN A 470 -14.29 37.78 5.79
C ASN A 470 -14.33 36.65 4.77
N MET A 471 -13.23 35.92 4.63
CA MET A 471 -13.18 34.80 3.70
C MET A 471 -13.88 33.56 4.24
N ALA A 472 -14.08 33.46 5.54
CA ALA A 472 -14.66 32.27 6.13
C ALA A 472 -16.12 32.09 5.72
N VAL A 473 -16.85 33.18 5.56
CA VAL A 473 -18.29 33.11 5.28
C VAL A 473 -18.62 33.15 3.80
N GLN A 474 -17.63 33.22 2.94
CA GLN A 474 -17.90 33.33 1.51
C GLN A 474 -18.52 32.04 0.98
N GLY A 475 -19.48 32.20 0.06
CA GLY A 475 -20.06 31.04 -0.57
C GLY A 475 -19.05 30.34 -1.46
N ARG A 476 -19.07 29.01 -1.40
CA ARG A 476 -18.09 28.20 -2.12
C ARG A 476 -18.80 27.10 -2.89
N ASN A 477 -18.16 26.65 -3.97
CA ASN A 477 -18.75 25.65 -4.84
C ASN A 477 -18.35 24.23 -4.46
N TYR A 478 -17.22 24.04 -3.80
CA TYR A 478 -16.70 22.71 -3.51
C TYR A 478 -16.20 22.66 -2.08
N ILE A 479 -16.28 21.48 -1.47
CA ILE A 479 -16.03 21.32 -0.04
C ILE A 479 -15.07 20.16 0.17
N PRO A 480 -14.37 20.13 1.30
CA PRO A 480 -13.35 19.09 1.51
C PRO A 480 -13.95 17.68 1.51
N GLY A 481 -13.09 16.70 1.22
CA GLY A 481 -13.53 15.34 1.05
C GLY A 481 -13.90 14.68 2.35
N PRO A 482 -14.20 13.39 2.28
CA PRO A 482 -14.77 12.69 3.44
C PRO A 482 -13.74 12.47 4.54
N SER A 483 -14.24 12.27 5.75
CA SER A 483 -13.38 12.12 6.91
C SER A 483 -13.86 10.96 7.77
N TYR A 484 -12.93 10.40 8.53
CA TYR A 484 -13.20 9.34 9.50
C TYR A 484 -12.19 9.52 10.63
N ARG A 485 -12.59 10.23 11.67
CA ARG A 485 -11.65 10.81 12.62
C ARG A 485 -10.78 9.73 13.27
N GLN A 486 -9.49 10.04 13.39
CA GLN A 486 -8.51 9.17 14.03
C GLN A 486 -8.02 9.81 15.33
N GLN A 487 -7.54 8.96 16.24
CA GLN A 487 -6.96 9.47 17.47
C GLN A 487 -5.61 10.11 17.19
N ARG A 488 -5.32 11.19 17.91
CA ARG A 488 -4.09 11.93 17.72
C ARG A 488 -3.03 11.46 18.70
N VAL A 489 -1.86 11.11 18.19
CA VAL A 489 -0.73 10.64 18.98
C VAL A 489 0.46 11.55 18.74
N SER A 490 1.14 11.92 19.82
CA SER A 490 2.30 12.80 19.74
C SER A 490 3.58 11.98 19.78
N THR A 491 4.52 12.32 18.90
CA THR A 491 5.84 11.70 18.96
C THR A 491 6.57 12.08 20.24
N THR A 492 6.26 13.24 20.80
CA THR A 492 6.71 13.59 22.15
C THR A 492 5.84 12.84 23.14
N VAL A 493 6.37 11.76 23.71
CA VAL A 493 5.56 10.86 24.53
C VAL A 493 5.04 11.52 25.80
N THR A 494 5.71 12.56 26.28
CA THR A 494 5.24 13.22 27.50
C THR A 494 3.92 13.95 27.29
N GLN A 495 3.59 14.29 26.04
CA GLN A 495 2.33 14.96 25.74
C GLN A 495 1.15 13.99 25.62
N ASN A 496 1.41 12.70 25.52
CA ASN A 496 0.34 11.72 25.39
C ASN A 496 -0.20 11.35 26.76
N ASN A 497 -1.44 10.85 26.77
CA ASN A 497 -2.08 10.42 28.00
C ASN A 497 -1.36 9.22 28.58
N ASN A 498 -1.30 9.15 29.91
CA ASN A 498 -0.62 8.07 30.62
C ASN A 498 -1.58 6.89 30.76
N SER A 499 -1.90 6.27 29.63
CA SER A 499 -2.78 5.12 29.60
C SER A 499 -2.53 4.34 28.31
N GLU A 500 -3.02 3.11 28.29
CA GLU A 500 -2.93 2.26 27.10
C GLU A 500 -4.15 2.52 26.24
N PHE A 501 -3.94 3.12 25.06
CA PHE A 501 -5.04 3.44 24.16
C PHE A 501 -4.77 3.04 22.72
N ALA A 502 -3.76 2.21 22.45
CA ALA A 502 -3.44 1.86 21.08
C ALA A 502 -4.61 1.11 20.43
N TRP A 503 -5.10 0.06 21.06
CA TRP A 503 -6.31 -0.60 20.61
C TRP A 503 -7.59 0.08 21.10
N PRO A 504 -7.72 0.39 22.40
CA PRO A 504 -9.01 0.94 22.87
C PRO A 504 -9.39 2.26 22.22
N GLY A 505 -8.42 3.12 21.92
CA GLY A 505 -8.69 4.43 21.37
C GLY A 505 -8.61 4.53 19.86
N ALA A 506 -8.63 3.41 19.14
CA ALA A 506 -8.41 3.42 17.70
C ALA A 506 -9.73 3.33 16.95
N SER A 507 -9.80 4.03 15.82
CA SER A 507 -10.94 3.93 14.93
C SER A 507 -10.96 2.55 14.27
N SER A 508 -12.15 2.00 14.11
CA SER A 508 -12.28 0.64 13.58
C SER A 508 -13.61 0.50 12.87
N TRP A 509 -13.71 -0.56 12.07
CA TRP A 509 -14.98 -0.96 11.46
C TRP A 509 -15.24 -2.41 11.77
N ALA A 510 -16.51 -2.75 11.89
CA ALA A 510 -16.95 -4.09 12.24
C ALA A 510 -17.47 -4.81 11.00
N LEU A 511 -17.12 -6.10 10.89
CA LEU A 511 -17.57 -6.92 9.77
C LEU A 511 -17.88 -8.31 10.32
N ASN A 512 -19.15 -8.69 10.28
CA ASN A 512 -19.61 -9.98 10.78
C ASN A 512 -19.20 -10.18 12.24
N GLY A 513 -19.32 -9.13 13.03
CA GLY A 513 -19.00 -9.19 14.44
C GLY A 513 -17.53 -9.11 14.78
N ARG A 514 -16.66 -8.96 13.79
CA ARG A 514 -15.22 -8.85 14.00
C ARG A 514 -14.78 -7.42 13.81
N ASN A 515 -14.01 -6.91 14.77
CA ASN A 515 -13.50 -5.55 14.70
C ASN A 515 -12.15 -5.54 13.98
N SER A 516 -12.03 -4.68 12.99
CA SER A 516 -10.80 -4.52 12.24
C SER A 516 -10.37 -3.07 12.29
N LEU A 517 -9.07 -2.85 12.47
CA LEU A 517 -8.54 -1.51 12.58
C LEU A 517 -8.74 -0.74 11.28
N MET A 518 -9.18 0.51 11.40
CA MET A 518 -9.29 1.39 10.24
C MET A 518 -7.88 1.89 9.91
N ASN A 519 -7.18 1.13 9.07
CA ASN A 519 -5.77 1.36 8.82
C ASN A 519 -5.46 1.11 7.35
N PRO A 520 -5.04 2.12 6.60
CA PRO A 520 -4.88 3.51 7.06
C PRO A 520 -6.14 4.35 6.91
N GLY A 521 -7.20 3.76 6.36
CA GLY A 521 -8.47 4.43 6.23
C GLY A 521 -8.49 5.45 5.10
N PRO A 522 -9.49 6.33 5.11
CA PRO A 522 -9.58 7.34 4.06
C PRO A 522 -8.39 8.29 4.09
N ALA A 523 -8.02 8.78 2.91
CA ALA A 523 -6.88 9.68 2.78
C ALA A 523 -7.21 11.02 3.44
N MET A 524 -6.49 11.35 4.50
CA MET A 524 -6.70 12.58 5.24
C MET A 524 -5.36 13.19 5.59
N ALA A 525 -5.37 14.51 5.80
CA ALA A 525 -4.16 15.20 6.22
C ALA A 525 -3.70 14.69 7.57
N SER A 526 -2.40 14.43 7.69
CA SER A 526 -1.87 13.83 8.91
C SER A 526 -1.98 14.77 10.10
N HIS A 527 -1.75 16.06 9.89
CA HIS A 527 -1.73 17.02 10.98
C HIS A 527 -1.99 18.42 10.43
N LYS A 528 -2.26 19.34 11.34
CA LYS A 528 -2.43 20.74 10.99
C LYS A 528 -1.07 21.39 10.75
N GLU A 529 -1.11 22.65 10.32
CA GLU A 529 0.12 23.38 10.09
C GLU A 529 0.87 23.60 11.40
N GLY A 530 2.15 23.23 11.41
CA GLY A 530 2.98 23.39 12.57
C GLY A 530 2.94 22.25 13.57
N GLU A 531 1.95 21.37 13.46
CA GLU A 531 1.82 20.23 14.37
C GLU A 531 2.46 18.97 13.79
N ASP A 532 3.74 19.07 13.39
CA ASP A 532 4.39 17.93 12.75
C ASP A 532 4.61 16.78 13.72
N ARG A 533 4.62 17.06 15.03
CA ARG A 533 4.84 16.00 16.01
C ARG A 533 3.62 15.09 16.18
N PHE A 534 2.47 15.47 15.66
CA PHE A 534 1.26 14.68 15.81
C PHE A 534 1.05 13.80 14.59
N PHE A 535 0.63 12.57 14.83
CA PHE A 535 0.26 11.66 13.74
C PHE A 535 -0.99 10.90 14.14
N PRO A 536 -1.86 10.57 13.19
CA PRO A 536 -3.04 9.77 13.52
C PRO A 536 -2.63 8.37 13.98
N LEU A 537 -3.46 7.80 14.86
CA LEU A 537 -3.11 6.54 15.49
C LEU A 537 -2.86 5.44 14.46
N SER A 538 -3.74 5.32 13.47
CA SER A 538 -3.56 4.32 12.43
C SER A 538 -3.91 4.88 11.06
N GLY A 539 -3.80 6.19 10.89
CA GLY A 539 -4.13 6.84 9.64
C GLY A 539 -2.98 7.04 8.68
N SER A 540 -1.81 6.50 8.96
CA SER A 540 -0.65 6.69 8.11
C SER A 540 0.11 5.38 7.98
N LEU A 541 0.81 5.23 6.86
CA LEU A 541 1.68 4.08 6.66
C LEU A 541 2.95 4.26 7.48
N ILE A 542 3.32 3.22 8.23
CA ILE A 542 4.51 3.25 9.06
C ILE A 542 5.45 2.18 8.54
N PHE A 543 6.56 2.59 7.96
CA PHE A 543 7.58 1.68 7.46
C PHE A 543 8.65 1.48 8.51
N GLY A 544 9.29 0.30 8.46
CA GLY A 544 10.36 -0.01 9.38
C GLY A 544 11.72 0.31 8.76
N LYS A 545 12.61 0.83 9.59
CA LYS A 545 13.97 1.08 9.14
C LYS A 545 14.71 -0.25 8.99
N GLN A 546 15.86 -0.18 8.32
CA GLN A 546 16.66 -1.38 8.10
C GLN A 546 17.13 -1.95 9.44
N GLY A 547 16.94 -3.25 9.63
CA GLY A 547 17.32 -3.92 10.85
C GLY A 547 16.31 -3.81 11.98
N THR A 548 15.17 -3.18 11.75
CA THR A 548 14.16 -3.05 12.78
C THR A 548 13.54 -4.41 13.09
N GLY A 549 13.31 -4.65 14.38
CA GLY A 549 12.74 -5.91 14.82
C GLY A 549 11.27 -6.02 14.47
N ARG A 550 10.66 -7.09 14.97
CA ARG A 550 9.28 -7.39 14.65
C ARG A 550 8.29 -6.80 15.65
N ASP A 551 8.57 -6.90 16.94
CA ASP A 551 7.63 -6.54 17.98
C ASP A 551 8.23 -5.52 18.94
N ASN A 552 7.41 -4.52 19.30
CA ASN A 552 7.73 -3.55 20.34
C ASN A 552 9.05 -2.84 20.07
N VAL A 553 9.08 -2.12 18.95
CA VAL A 553 10.24 -1.34 18.58
C VAL A 553 9.95 0.12 18.88
N ASP A 554 11.01 0.89 19.10
CA ASP A 554 10.87 2.28 19.48
C ASP A 554 10.48 3.13 18.27
N ALA A 555 10.06 4.37 18.55
CA ALA A 555 9.63 5.27 17.49
C ALA A 555 10.77 5.65 16.55
N ASP A 556 12.02 5.58 17.00
CA ASP A 556 13.15 5.89 16.14
C ASP A 556 13.51 4.75 15.19
N LYS A 557 12.94 3.56 15.39
CA LYS A 557 13.20 2.43 14.53
C LYS A 557 12.18 2.28 13.41
N VAL A 558 11.21 3.18 13.32
CA VAL A 558 10.18 3.15 12.29
C VAL A 558 10.15 4.50 11.60
N MET A 559 9.61 4.50 10.38
CA MET A 559 9.49 5.71 9.56
C MET A 559 8.00 5.96 9.32
N ILE A 560 7.45 6.96 9.98
CA ILE A 560 6.03 7.28 9.87
C ILE A 560 5.84 8.25 8.71
N THR A 561 5.11 7.80 7.69
CA THR A 561 4.83 8.67 6.54
C THR A 561 3.92 9.81 6.95
N ASN A 562 4.16 10.97 6.34
CA ASN A 562 3.46 12.20 6.68
C ASN A 562 2.63 12.63 5.47
N GLU A 563 1.30 12.63 5.64
CA GLU A 563 0.38 12.98 4.57
C GLU A 563 -0.08 14.44 4.72
N GLU A 564 0.87 15.36 4.62
CA GLU A 564 0.57 16.77 4.84
C GLU A 564 0.26 17.53 3.56
N GLU A 565 0.69 17.03 2.40
CA GLU A 565 0.51 17.75 1.15
C GLU A 565 -0.95 17.85 0.74
N ILE A 566 -1.84 17.08 1.36
CA ILE A 566 -3.25 17.06 0.97
C ILE A 566 -4.12 17.82 1.95
N LYS A 567 -3.52 18.63 2.83
CA LYS A 567 -4.31 19.47 3.72
C LYS A 567 -5.04 20.58 2.98
N THR A 568 -4.70 20.82 1.71
CA THR A 568 -5.39 21.83 0.93
C THR A 568 -6.77 21.38 0.48
N THR A 569 -7.02 20.09 0.38
CA THR A 569 -8.32 19.57 -0.03
C THR A 569 -8.90 18.58 0.96
N ASN A 570 -8.08 17.78 1.62
CA ASN A 570 -8.57 16.76 2.53
C ASN A 570 -8.58 17.28 3.96
N PRO A 571 -9.59 16.90 4.75
CA PRO A 571 -9.61 17.31 6.15
C PRO A 571 -8.51 16.62 6.95
N VAL A 572 -8.15 17.25 8.07
CA VAL A 572 -7.15 16.68 8.94
C VAL A 572 -7.69 15.41 9.58
N ALA A 573 -6.86 14.37 9.65
CA ALA A 573 -7.32 13.07 10.12
C ALA A 573 -7.74 13.10 11.58
N THR A 574 -7.11 13.96 12.39
CA THR A 574 -7.34 13.98 13.83
C THR A 574 -8.28 15.09 14.26
N GLU A 575 -9.00 15.70 13.33
CA GLU A 575 -9.95 16.76 13.63
C GLU A 575 -11.33 16.38 13.12
N SER A 576 -12.34 17.04 13.68
CA SER A 576 -13.70 16.88 13.21
C SER A 576 -13.83 17.48 11.80
N TYR A 577 -14.73 16.90 11.01
CA TYR A 577 -14.99 17.46 9.68
C TYR A 577 -15.57 18.86 9.79
N GLY A 578 -16.47 19.08 10.75
CA GLY A 578 -17.09 20.37 10.91
C GLY A 578 -18.18 20.32 11.95
N GLN A 579 -19.08 21.28 11.88
CA GLN A 579 -20.19 21.39 12.80
C GLN A 579 -21.50 21.39 12.03
N VAL A 580 -22.52 20.77 12.60
CA VAL A 580 -23.86 20.78 12.04
C VAL A 580 -24.84 21.22 13.13
N ALA A 581 -25.89 21.92 12.72
CA ALA A 581 -26.94 22.29 13.65
C ALA A 581 -27.67 21.05 14.14
N THR A 582 -28.06 21.07 15.41
CA THR A 582 -28.70 19.92 16.03
C THR A 582 -30.08 20.20 16.59
N ASN A 583 -30.62 21.41 16.42
CA ASN A 583 -31.90 21.77 16.98
C ASN A 583 -32.47 22.96 16.22
N HIS A 584 -33.66 23.38 16.64
CA HIS A 584 -34.27 24.61 16.14
C HIS A 584 -34.18 25.68 17.22
N GLN A 585 -33.40 26.72 16.98
CA GLN A 585 -33.39 27.86 17.88
C GLN A 585 -34.71 28.60 17.76
N SER A 586 -35.22 29.07 18.90
CA SER A 586 -36.52 29.74 18.90
C SER A 586 -36.63 30.62 20.12
N ASP A 587 -37.60 31.54 20.08
CA ASP A 587 -37.92 32.36 21.24
C ASP A 587 -39.03 31.72 22.07
N GLY A 588 -39.86 30.89 21.43
CA GLY A 588 -40.93 30.22 22.14
C GLY A 588 -42.09 29.84 21.24
N THR A 589 -42.69 28.68 21.49
CA THR A 589 -43.82 28.16 20.72
C THR A 589 -43.54 28.16 19.22
N PRO A 593 -42.19 26.52 23.58
CA PRO A 593 -42.01 27.51 24.65
C PRO A 593 -40.84 27.17 25.57
N PHE A 594 -39.71 26.81 24.98
CA PHE A 594 -38.54 26.42 25.75
C PHE A 594 -37.40 27.43 25.66
N LYS A 595 -37.41 28.31 24.66
CA LYS A 595 -36.33 29.28 24.45
C LYS A 595 -34.99 28.59 24.25
N ALA A 596 -34.86 27.82 23.18
CA ALA A 596 -33.66 27.07 22.88
C ALA A 596 -32.70 27.90 22.04
N GLN A 597 -31.43 27.90 22.43
CA GLN A 597 -30.40 28.56 21.64
C GLN A 597 -29.95 27.66 20.50
N ALA A 598 -29.22 28.24 19.56
CA ALA A 598 -28.68 27.49 18.44
C ALA A 598 -27.60 26.54 18.93
N GLN A 599 -27.76 25.25 18.67
CA GLN A 599 -26.84 24.23 19.13
C GLN A 599 -26.20 23.54 17.93
N THR A 600 -24.91 23.23 18.05
CA THR A 600 -24.15 22.58 17.00
C THR A 600 -23.48 21.33 17.55
N GLY A 601 -23.27 20.35 16.67
CA GLY A 601 -22.58 19.14 17.05
C GLY A 601 -21.45 18.84 16.09
N TRP A 602 -20.39 18.26 16.63
CA TRP A 602 -19.23 17.94 15.83
C TRP A 602 -19.50 16.76 14.92
N VAL A 603 -18.95 16.82 13.71
CA VAL A 603 -19.07 15.74 12.75
C VAL A 603 -17.77 14.95 12.77
N GLN A 604 -17.78 13.81 13.45
CA GLN A 604 -16.59 12.98 13.55
C GLN A 604 -16.33 12.17 12.28
N ASN A 605 -17.38 11.71 11.62
CA ASN A 605 -17.26 10.98 10.37
C ASN A 605 -18.22 11.60 9.35
N GLN A 606 -17.72 11.88 8.16
CA GLN A 606 -18.54 12.46 7.10
C GLN A 606 -18.40 11.61 5.86
N GLY A 607 -19.52 11.13 5.34
CA GLY A 607 -19.52 10.38 4.10
C GLY A 607 -19.44 11.31 2.91
N ILE A 608 -19.48 10.70 1.73
CA ILE A 608 -19.36 11.45 0.49
C ILE A 608 -20.60 12.33 0.31
N LEU A 609 -20.38 13.61 0.03
CA LEU A 609 -21.43 14.54 -0.33
C LEU A 609 -21.18 15.06 -1.74
N PRO A 610 -22.23 15.37 -2.49
CA PRO A 610 -22.02 15.99 -3.81
C PRO A 610 -21.29 17.31 -3.67
N GLY A 611 -20.41 17.59 -4.63
CA GLY A 611 -19.57 18.76 -4.56
C GLY A 611 -18.32 18.61 -3.72
N MET A 612 -17.97 17.41 -3.33
CA MET A 612 -16.78 17.19 -2.51
C MET A 612 -15.61 16.75 -3.39
N VAL A 613 -14.44 17.31 -3.12
CA VAL A 613 -13.21 16.96 -3.83
C VAL A 613 -12.17 16.57 -2.79
N TRP A 614 -11.26 15.69 -3.20
CA TRP A 614 -10.23 15.19 -2.30
C TRP A 614 -9.05 14.69 -3.11
N GLN A 615 -7.94 14.46 -2.41
CA GLN A 615 -6.76 13.84 -2.98
C GLN A 615 -6.59 12.45 -2.37
N ASP A 616 -6.13 11.50 -3.19
CA ASP A 616 -5.87 10.17 -2.70
C ASP A 616 -4.54 10.13 -1.95
N ARG A 617 -4.31 9.03 -1.25
CA ARG A 617 -3.08 8.87 -0.50
C ARG A 617 -1.88 8.82 -1.43
N ASP A 618 -0.76 9.38 -0.96
CA ASP A 618 0.46 9.38 -1.74
C ASP A 618 1.04 7.97 -1.85
N VAL A 619 1.81 7.75 -2.91
CA VAL A 619 2.60 6.55 -3.06
C VAL A 619 4.03 6.86 -2.66
N TYR A 620 4.76 5.82 -2.27
CA TYR A 620 6.11 5.97 -1.76
C TYR A 620 7.03 5.00 -2.47
N LEU A 621 8.34 5.30 -2.39
CA LEU A 621 9.32 4.45 -3.05
C LEU A 621 9.27 3.02 -2.50
N GLN A 622 9.04 2.87 -1.21
CA GLN A 622 8.92 1.56 -0.58
C GLN A 622 7.46 1.15 -0.37
N GLY A 623 6.51 1.88 -0.93
CA GLY A 623 5.11 1.57 -0.78
C GLY A 623 4.58 0.70 -1.89
N PRO A 624 3.32 0.28 -1.77
CA PRO A 624 2.73 -0.59 -2.79
C PRO A 624 2.42 0.17 -4.08
N ILE A 625 2.29 -0.60 -5.16
CA ILE A 625 2.00 -0.04 -6.48
C ILE A 625 0.53 -0.20 -6.84
N TRP A 626 -0.01 -1.41 -6.72
CA TRP A 626 -1.36 -1.70 -7.18
C TRP A 626 -2.07 -2.57 -6.16
N ALA A 627 -3.38 -2.69 -6.33
CA ALA A 627 -4.19 -3.61 -5.55
C ALA A 627 -5.32 -4.10 -6.44
N LYS A 628 -5.86 -5.28 -6.12
CA LYS A 628 -6.99 -5.82 -6.84
C LYS A 628 -8.27 -5.28 -6.23
N ILE A 629 -9.08 -4.63 -7.04
CA ILE A 629 -10.41 -4.20 -6.56
C ILE A 629 -11.25 -5.45 -6.29
N PRO A 630 -11.84 -5.59 -5.11
CA PRO A 630 -12.66 -6.77 -4.84
C PRO A 630 -13.81 -6.88 -5.83
N HIS A 631 -14.10 -8.11 -6.25
CA HIS A 631 -15.18 -8.35 -7.19
C HIS A 631 -16.52 -8.25 -6.49
N THR A 632 -17.12 -7.06 -6.50
CA THR A 632 -18.37 -6.80 -5.79
C THR A 632 -19.34 -6.10 -6.74
N ASP A 633 -20.61 -6.07 -6.32
CA ASP A 633 -21.62 -5.38 -7.11
C ASP A 633 -21.33 -3.89 -7.20
N GLY A 634 -20.88 -3.29 -6.10
CA GLY A 634 -20.63 -1.87 -6.09
C GLY A 634 -19.38 -1.47 -5.32
N ASN A 635 -18.73 -0.40 -5.78
CA ASN A 635 -17.63 0.21 -5.07
C ASN A 635 -17.62 1.69 -5.42
N PHE A 636 -17.00 2.48 -4.56
CA PHE A 636 -16.84 3.90 -4.82
C PHE A 636 -15.37 4.28 -4.74
N HIS A 637 -14.88 4.92 -5.79
CA HIS A 637 -13.49 5.38 -5.89
C HIS A 637 -12.54 4.28 -5.46
N PRO A 638 -12.38 3.23 -6.26
CA PRO A 638 -11.71 2.02 -5.78
C PRO A 638 -10.21 2.13 -5.72
N SER A 639 -9.69 3.35 -5.71
CA SER A 639 -8.27 3.56 -5.46
C SER A 639 -7.89 2.95 -4.12
N PRO A 640 -6.83 2.15 -4.05
CA PRO A 640 -6.52 1.45 -2.79
C PRO A 640 -6.20 2.43 -1.67
N LEU A 641 -6.66 2.09 -0.47
CA LEU A 641 -6.51 3.00 0.66
C LEU A 641 -5.05 3.11 1.11
N MET A 642 -4.27 2.04 0.97
CA MET A 642 -2.85 2.13 1.26
C MET A 642 -2.07 2.90 0.20
N GLY A 643 -2.70 3.24 -0.91
CA GLY A 643 -2.07 4.01 -1.97
C GLY A 643 -1.73 3.13 -3.15
N GLY A 644 -1.89 3.68 -4.34
CA GLY A 644 -1.54 2.98 -5.56
C GLY A 644 -2.65 3.04 -6.57
N PHE A 645 -2.63 2.10 -7.50
CA PHE A 645 -3.59 2.03 -8.59
C PHE A 645 -4.50 0.83 -8.35
N GLY A 646 -5.80 1.08 -8.28
CA GLY A 646 -6.78 0.02 -8.10
C GLY A 646 -7.24 -0.52 -9.44
N MET A 647 -7.15 -1.82 -9.61
CA MET A 647 -7.47 -2.47 -10.88
C MET A 647 -8.39 -3.65 -10.65
N LYS A 648 -9.35 -3.84 -11.54
CA LYS A 648 -10.16 -5.05 -11.53
C LYS A 648 -9.37 -6.25 -12.00
N HIS A 649 -8.41 -6.03 -12.90
CA HIS A 649 -7.54 -7.09 -13.42
C HIS A 649 -6.10 -6.63 -13.24
N PRO A 650 -5.57 -6.74 -12.03
CA PRO A 650 -4.19 -6.33 -11.78
C PRO A 650 -3.21 -7.31 -12.38
N PRO A 651 -1.91 -7.07 -12.27
CA PRO A 651 -0.94 -8.07 -12.69
C PRO A 651 -1.21 -9.39 -12.01
N PRO A 652 -1.29 -10.48 -12.77
CA PRO A 652 -1.68 -11.77 -12.18
C PRO A 652 -0.60 -12.30 -11.25
N GLN A 653 -1.03 -13.14 -10.31
CA GLN A 653 -0.08 -13.80 -9.43
C GLN A 653 0.72 -14.84 -10.20
N ILE A 654 2.04 -14.79 -10.06
CA ILE A 654 2.92 -15.80 -10.63
C ILE A 654 3.31 -16.74 -9.51
N LEU A 655 2.88 -17.99 -9.62
CA LEU A 655 3.08 -18.99 -8.58
C LEU A 655 4.12 -20.01 -9.05
N ILE A 656 5.08 -20.30 -8.19
CA ILE A 656 6.20 -21.16 -8.52
C ILE A 656 6.35 -22.20 -7.43
N LYS A 657 6.82 -23.39 -7.81
CA LYS A 657 6.97 -24.49 -6.87
C LYS A 657 7.89 -25.54 -7.46
N ASN A 658 8.72 -26.13 -6.60
CA ASN A 658 9.58 -27.23 -7.01
C ASN A 658 8.76 -28.51 -7.15
N THR A 659 8.90 -29.18 -8.27
CA THR A 659 8.23 -30.46 -8.46
C THR A 659 8.80 -31.48 -7.50
N PRO A 660 7.96 -32.19 -6.73
CA PRO A 660 8.50 -33.15 -5.77
C PRO A 660 9.21 -34.31 -6.47
N VAL A 661 10.37 -34.66 -5.93
CA VAL A 661 11.14 -35.80 -6.43
C VAL A 661 11.18 -36.85 -5.34
N PRO A 662 10.42 -37.94 -5.45
CA PRO A 662 10.36 -38.93 -4.37
C PRO A 662 11.70 -39.60 -4.15
N ALA A 663 11.94 -40.01 -2.91
CA ALA A 663 13.07 -40.86 -2.61
C ALA A 663 12.73 -42.28 -3.06
N ASP A 664 13.59 -43.24 -2.75
CA ASP A 664 13.39 -44.59 -3.22
C ASP A 664 12.13 -45.20 -2.60
N PRO A 665 11.16 -45.62 -3.41
CA PRO A 665 9.96 -46.24 -2.86
C PRO A 665 10.22 -47.68 -2.46
N PRO A 666 9.35 -48.29 -1.67
CA PRO A 666 9.53 -49.70 -1.31
C PRO A 666 9.38 -50.60 -2.52
N THR A 667 10.05 -51.75 -2.46
CA THR A 667 9.98 -52.72 -3.56
C THR A 667 8.66 -53.47 -3.60
N ALA A 668 7.81 -53.33 -2.59
CA ALA A 668 6.48 -53.89 -2.60
C ALA A 668 5.46 -52.76 -2.65
N PHE A 669 4.39 -52.96 -3.40
CA PHE A 669 3.43 -51.88 -3.63
C PHE A 669 2.76 -51.46 -2.33
N ASN A 670 2.57 -50.15 -2.19
CA ASN A 670 1.86 -49.58 -1.06
C ASN A 670 0.93 -48.49 -1.58
N LYS A 671 -0.34 -48.55 -1.18
CA LYS A 671 -1.32 -47.61 -1.70
C LYS A 671 -1.16 -46.21 -1.15
N ASP A 672 -0.45 -46.04 -0.03
CA ASP A 672 -0.33 -44.74 0.59
C ASP A 672 0.52 -43.81 -0.27
N LYS A 673 0.17 -42.52 -0.23
CA LYS A 673 0.95 -41.53 -0.95
C LYS A 673 2.36 -41.46 -0.39
N LEU A 674 3.31 -41.21 -1.27
CA LEU A 674 4.71 -41.14 -0.86
C LEU A 674 4.94 -39.92 0.02
N ASN A 675 5.64 -40.10 1.12
CA ASN A 675 5.93 -39.02 2.05
C ASN A 675 7.41 -38.80 2.28
N SER A 676 8.28 -39.54 1.60
CA SER A 676 9.72 -39.36 1.67
C SER A 676 10.19 -38.80 0.33
N PHE A 677 10.80 -37.62 0.36
CA PHE A 677 11.23 -36.94 -0.85
C PHE A 677 12.69 -36.55 -0.73
N ILE A 678 13.31 -36.37 -1.88
CA ILE A 678 14.66 -35.82 -1.92
C ILE A 678 14.60 -34.33 -1.57
N THR A 679 15.42 -33.91 -0.62
CA THR A 679 15.45 -32.52 -0.22
C THR A 679 16.00 -31.68 -1.38
N GLN A 680 15.23 -30.66 -1.78
CA GLN A 680 15.58 -29.90 -2.97
C GLN A 680 15.20 -28.44 -2.78
N TYR A 681 15.89 -27.58 -3.51
CA TYR A 681 15.54 -26.18 -3.63
C TYR A 681 16.01 -25.70 -4.99
N SER A 682 15.42 -24.61 -5.46
CA SER A 682 15.75 -24.06 -6.75
C SER A 682 16.21 -22.62 -6.61
N THR A 683 17.00 -22.18 -7.59
CA THR A 683 17.44 -20.80 -7.66
C THR A 683 17.46 -20.39 -9.12
N GLY A 684 17.40 -19.09 -9.34
CA GLY A 684 17.38 -18.59 -10.70
C GLY A 684 17.30 -17.08 -10.70
N GLN A 685 17.02 -16.53 -11.87
CA GLN A 685 16.90 -15.10 -12.05
C GLN A 685 15.49 -14.76 -12.52
N VAL A 686 14.98 -13.63 -12.04
CA VAL A 686 13.66 -13.12 -12.42
C VAL A 686 13.84 -11.71 -12.96
N SER A 687 13.23 -11.43 -14.09
CA SER A 687 13.31 -10.12 -14.73
C SER A 687 11.90 -9.56 -14.87
N VAL A 688 11.70 -8.32 -14.38
CA VAL A 688 10.43 -7.63 -14.50
C VAL A 688 10.69 -6.31 -15.20
N GLU A 689 9.96 -6.07 -16.29
CA GLU A 689 10.06 -4.84 -17.06
C GLU A 689 8.68 -4.18 -17.10
N ILE A 690 8.59 -2.95 -16.61
CA ILE A 690 7.34 -2.20 -16.57
C ILE A 690 7.55 -0.90 -17.32
N GLU A 691 6.63 -0.57 -18.22
CA GLU A 691 6.63 0.70 -18.92
C GLU A 691 5.60 1.62 -18.27
N TRP A 692 6.04 2.80 -17.86
CA TRP A 692 5.19 3.77 -17.19
C TRP A 692 4.95 4.95 -18.09
N GLU A 693 3.69 5.39 -18.17
CA GLU A 693 3.37 6.62 -18.87
C GLU A 693 3.60 7.81 -17.94
N LEU A 694 4.08 8.91 -18.51
CA LEU A 694 4.40 10.11 -17.75
C LEU A 694 3.46 11.24 -18.09
N GLN A 695 3.16 12.07 -17.10
CA GLN A 695 2.39 13.29 -17.28
C GLN A 695 3.34 14.45 -17.00
N LYS A 696 3.92 15.00 -18.06
CA LYS A 696 4.89 16.08 -17.91
C LYS A 696 4.22 17.31 -17.34
N GLU A 697 4.95 18.03 -16.49
CA GLU A 697 4.44 19.26 -15.91
C GLU A 697 4.73 20.44 -16.84
N ASN A 698 3.75 21.33 -16.96
CA ASN A 698 3.87 22.53 -17.79
C ASN A 698 3.45 23.76 -16.99
N SER A 699 3.87 23.83 -15.74
CA SER A 699 3.48 24.92 -14.85
C SER A 699 4.05 26.24 -15.32
N LYS A 700 3.29 27.32 -15.08
CA LYS A 700 3.73 28.67 -15.33
C LYS A 700 4.13 29.39 -14.05
N ARG A 701 4.37 28.65 -12.97
CA ARG A 701 4.81 29.24 -11.72
C ARG A 701 6.18 29.90 -11.90
N TRP A 702 6.34 31.07 -11.30
CA TRP A 702 7.55 31.84 -11.52
C TRP A 702 8.67 31.45 -10.56
N ASN A 703 8.37 31.30 -9.29
CA ASN A 703 9.39 30.99 -8.30
C ASN A 703 9.78 29.51 -8.37
N PRO A 704 10.99 29.17 -7.95
CA PRO A 704 11.41 27.76 -7.99
C PRO A 704 10.55 26.88 -7.09
N GLU A 705 10.43 25.62 -7.49
CA GLU A 705 9.60 24.65 -6.80
C GLU A 705 10.39 23.93 -5.71
N ILE A 706 9.68 23.18 -4.88
CA ILE A 706 10.30 22.28 -3.93
C ILE A 706 10.64 20.98 -4.65
N GLN A 707 11.86 20.50 -4.48
CA GLN A 707 12.32 19.27 -5.09
C GLN A 707 12.90 18.36 -4.01
N TYR A 708 12.79 17.06 -4.22
CA TYR A 708 13.51 16.14 -3.35
C TYR A 708 15.00 16.21 -3.67
N THR A 709 15.81 16.31 -2.62
CA THR A 709 17.24 16.44 -2.82
C THR A 709 17.97 15.74 -1.68
N SER A 710 19.19 15.29 -1.97
CA SER A 710 20.09 14.88 -0.92
C SER A 710 20.68 16.09 -0.23
N ASN A 711 21.16 15.88 1.00
CA ASN A 711 21.81 16.92 1.76
C ASN A 711 23.32 16.80 1.59
N TYR A 712 23.97 17.91 1.26
CA TYR A 712 25.40 17.88 1.01
C TYR A 712 26.21 17.62 2.27
N TYR A 713 25.64 17.86 3.44
CA TYR A 713 26.41 17.77 4.68
C TYR A 713 27.01 16.37 4.85
N LYS A 714 28.23 16.33 5.38
CA LYS A 714 28.97 15.10 5.49
C LYS A 714 28.27 14.11 6.44
N SER A 715 28.48 12.83 6.17
CA SER A 715 27.89 11.78 6.98
C SER A 715 28.78 10.54 6.88
N ASN A 716 28.59 9.62 7.82
CA ASN A 716 29.37 8.39 7.82
C ASN A 716 29.06 7.54 6.59
N ASN A 717 27.79 7.48 6.18
CA ASN A 717 27.38 6.69 5.04
C ASN A 717 26.60 7.55 4.06
N VAL A 718 26.65 7.15 2.80
CA VAL A 718 25.82 7.75 1.77
C VAL A 718 24.41 7.21 1.90
N GLU A 719 23.42 8.10 1.87
CA GLU A 719 22.03 7.67 1.94
C GLU A 719 21.66 6.87 0.70
N PHE A 720 20.84 5.84 0.89
CA PHE A 720 20.45 4.92 -0.17
C PHE A 720 21.68 4.24 -0.79
N ALA A 721 22.61 3.83 0.07
CA ALA A 721 23.78 3.07 -0.33
C ALA A 721 24.03 1.98 0.70
N VAL A 722 25.12 1.25 0.54
CA VAL A 722 25.47 0.20 1.47
C VAL A 722 26.38 0.76 2.55
N ASN A 723 26.32 0.14 3.72
CA ASN A 723 27.22 0.49 4.83
C ASN A 723 28.49 -0.35 4.73
N THR A 724 29.32 -0.31 5.78
CA THR A 724 30.58 -1.03 5.75
C THR A 724 30.40 -2.54 5.75
N GLU A 725 29.21 -3.04 6.12
CA GLU A 725 28.93 -4.46 6.11
C GLU A 725 28.17 -4.89 4.87
N GLY A 726 28.02 -4.02 3.89
CA GLY A 726 27.28 -4.36 2.69
C GLY A 726 25.78 -4.39 2.86
N VAL A 727 25.25 -3.74 3.87
CA VAL A 727 23.82 -3.73 4.14
C VAL A 727 23.20 -2.49 3.50
N TYR A 728 22.34 -2.69 2.51
CA TYR A 728 21.62 -1.61 1.88
C TYR A 728 20.47 -1.16 2.77
N SER A 729 20.25 0.15 2.82
CA SER A 729 19.19 0.71 3.66
C SER A 729 18.54 1.88 2.96
N GLU A 730 17.26 2.07 3.24
CA GLU A 730 16.52 3.25 2.80
C GLU A 730 16.29 4.14 4.01
N PRO A 731 16.97 5.28 4.11
CA PRO A 731 16.92 6.05 5.37
C PRO A 731 15.58 6.70 5.65
N ARG A 732 14.82 7.08 4.64
CA ARG A 732 13.58 7.82 4.85
C ARG A 732 12.58 7.41 3.77
N PRO A 733 11.29 7.59 4.03
CA PRO A 733 10.30 7.38 2.97
C PRO A 733 10.24 8.59 2.05
N ILE A 734 10.14 8.32 0.75
CA ILE A 734 10.07 9.37 -0.26
C ILE A 734 8.71 9.29 -0.93
N GLY A 735 7.96 10.38 -0.86
CA GLY A 735 6.68 10.47 -1.54
C GLY A 735 6.85 10.88 -2.98
N THR A 736 5.74 11.29 -3.59
CA THR A 736 5.74 11.74 -4.97
C THR A 736 5.36 13.21 -5.12
N ARG A 737 4.92 13.87 -4.06
CA ARG A 737 4.27 15.17 -4.15
C ARG A 737 5.26 16.26 -3.76
N TYR A 738 6.06 16.69 -4.73
CA TYR A 738 6.97 17.81 -4.57
C TYR A 738 6.67 18.95 -5.53
N LEU A 739 6.25 18.64 -6.74
CA LEU A 739 5.83 19.67 -7.69
C LEU A 739 4.49 20.25 -7.27
N THR A 740 4.12 21.35 -7.90
CA THR A 740 2.98 22.16 -7.50
C THR A 740 1.99 22.32 -8.64
N ARG A 741 0.70 22.22 -8.31
CA ARG A 741 -0.37 22.46 -9.24
C ARG A 741 -1.42 23.36 -8.60
N ASN A 742 -2.12 24.13 -9.44
CA ASN A 742 -3.22 24.93 -8.95
C ASN A 742 -4.44 24.06 -8.72
N LEU A 743 -5.37 24.58 -7.92
CA LEU A 743 -6.64 23.89 -7.70
C LEU A 743 -7.66 24.27 -8.76
#